data_2HT5
#
_entry.id   2HT5
#
_cell.length_a   90.520
_cell.length_b   90.520
_cell.length_c   108.870
_cell.angle_alpha   90.00
_cell.angle_beta   90.00
_cell.angle_gamma   90.00
#
_symmetry.space_group_name_H-M   'I 4'
#
loop_
_entity.id
_entity.type
_entity.pdbx_description
1 polymer Neuraminidase
2 non-polymer 2-acetamido-2-deoxy-alpha-D-glucopyranose
3 non-polymer 'CALCIUM ION'
4 water water
#
_entity_poly.entity_id   1
_entity_poly.type   'polypeptide(L)'
_entity_poly.pdbx_seq_one_letter_code
;TYMNNTEAICDAKGFAPFSKDNGIRIGSRGHIFVIREPFVSCSPIECRTFFLTQGSLLNDKHSNGTVKDRSPFRTLMSVE
VGQSPNVYQARFEAVAWSATACHDGKKWMTVGVTGPDSKAVAVIHYGGVPTDVVNSWAGDILRTQESSCTCIQGDCYWVM
TDGPANRQAQYRIYKANQGRIIGQTDISFNGGHIEECSCYPNDGKVECVCRDGWTGTNRPVLVISPDLSYRVGYLCAGIP
SDTPRGEDTQFTGSCTSPMGNQGYGVKGFGFRQGTDVWMGRTISRTSRSGFEILRIKNGWTQTSKEQIRKQVVVDNLNWS
GYSGSFTLPVELSGKDCLVPCFWVEMIRGKPEEKTIWTSSSSIVMCGVDYEVADWSWHDGAILPFDIDKM
;
_entity_poly.pdbx_strand_id   A
#
# COMPACT_ATOMS: atom_id res chain seq x y z
N THR A 1 10.64 22.19 -9.52
CA THR A 1 10.87 21.34 -10.72
C THR A 1 10.27 19.97 -10.51
N TYR A 2 10.01 19.27 -11.62
CA TYR A 2 9.43 17.94 -11.57
C TYR A 2 10.49 16.92 -11.15
N MET A 3 10.04 15.84 -10.54
CA MET A 3 10.92 14.79 -10.05
C MET A 3 11.21 13.73 -11.12
N ASN A 4 12.48 13.53 -11.43
CA ASN A 4 12.86 12.50 -12.40
C ASN A 4 12.89 11.14 -11.69
N ASN A 5 11.78 10.40 -11.69
CA ASN A 5 11.78 9.09 -11.08
C ASN A 5 11.88 8.16 -12.27
N THR A 6 12.96 8.36 -13.02
CA THR A 6 13.28 7.64 -14.25
C THR A 6 14.24 6.48 -14.00
N GLU A 7 15.03 6.60 -12.94
CA GLU A 7 16.03 5.59 -12.58
C GLU A 7 15.46 4.22 -12.26
N ALA A 8 16.37 3.26 -12.10
CA ALA A 8 15.99 1.88 -11.78
C ALA A 8 15.92 1.74 -10.27
N ILE A 9 15.25 0.68 -9.80
CA ILE A 9 15.17 0.41 -8.38
C ILE A 9 16.54 -0.11 -7.93
N CYS A 10 17.05 0.40 -6.82
CA CYS A 10 18.35 -0.05 -6.32
C CYS A 10 18.29 -1.53 -5.93
N ASP A 11 19.37 -2.24 -6.20
CA ASP A 11 19.46 -3.64 -5.83
C ASP A 11 19.83 -3.63 -4.36
N ALA A 12 18.95 -4.15 -3.52
CA ALA A 12 19.17 -4.14 -2.07
C ALA A 12 19.32 -5.56 -1.53
N LYS A 13 20.16 -5.72 -0.51
CA LYS A 13 20.37 -7.03 0.09
C LYS A 13 19.56 -7.21 1.36
N GLY A 14 18.89 -6.14 1.80
CA GLY A 14 18.11 -6.22 3.02
C GLY A 14 17.46 -4.89 3.29
N PHE A 15 16.74 -4.78 4.39
CA PHE A 15 16.05 -3.53 4.71
C PHE A 15 16.31 -3.03 6.13
N ALA A 16 16.75 -1.78 6.22
CA ALA A 16 17.01 -1.18 7.53
C ALA A 16 15.76 -0.43 8.00
N PRO A 17 15.54 -0.40 9.32
CA PRO A 17 14.35 0.30 9.86
C PRO A 17 14.43 1.82 9.62
N PHE A 18 13.38 2.38 9.04
CA PHE A 18 13.31 3.81 8.75
C PHE A 18 12.66 4.54 9.92
N SER A 19 11.42 4.17 10.25
CA SER A 19 10.71 4.83 11.33
C SER A 19 9.67 3.95 12.02
N LYS A 20 9.21 4.40 13.19
CA LYS A 20 8.18 3.71 13.95
C LYS A 20 7.42 4.79 14.71
N ASP A 21 6.12 4.88 14.49
CA ASP A 21 5.35 5.92 15.16
C ASP A 21 4.85 5.58 16.56
N ASN A 22 4.56 4.32 16.83
CA ASN A 22 4.06 3.90 18.15
C ASN A 22 2.77 4.66 18.44
N GLY A 23 2.03 4.97 17.38
CA GLY A 23 0.80 5.72 17.52
C GLY A 23 -0.16 5.22 18.58
N ILE A 24 -0.36 3.92 18.63
CA ILE A 24 -1.31 3.32 19.59
C ILE A 24 -0.84 3.34 21.05
N ARG A 25 0.44 3.05 21.30
CA ARG A 25 0.96 3.09 22.67
C ARG A 25 0.76 4.51 23.14
N ILE A 26 1.17 5.45 22.29
CA ILE A 26 1.05 6.88 22.55
C ILE A 26 -0.43 7.25 22.75
N GLY A 27 -1.30 6.57 22.01
CA GLY A 27 -2.72 6.86 22.10
C GLY A 27 -3.36 6.55 23.43
N SER A 28 -2.71 5.72 24.24
CA SER A 28 -3.24 5.36 25.54
C SER A 28 -3.50 6.64 26.36
N ARG A 29 -2.71 7.68 26.11
CA ARG A 29 -2.85 8.94 26.83
C ARG A 29 -2.90 10.19 25.93
N GLY A 30 -2.18 10.16 24.82
CA GLY A 30 -2.20 11.31 23.92
C GLY A 30 -3.44 11.38 23.04
N HIS A 31 -3.49 12.38 22.17
CA HIS A 31 -4.63 12.55 21.27
C HIS A 31 -4.28 12.06 19.90
N ILE A 32 -4.53 10.78 19.67
CA ILE A 32 -4.21 10.15 18.40
C ILE A 32 -5.44 9.69 17.65
N PHE A 33 -5.36 9.81 16.33
CA PHE A 33 -6.46 9.39 15.48
C PHE A 33 -6.49 7.88 15.38
N VAL A 34 -7.69 7.31 15.42
CA VAL A 34 -7.86 5.87 15.23
C VAL A 34 -7.71 5.86 13.71
N ILE A 35 -6.68 5.22 13.19
CA ILE A 35 -6.45 5.22 11.76
C ILE A 35 -6.58 3.90 11.06
N ARG A 36 -6.10 3.90 9.82
CA ARG A 36 -6.11 2.74 8.96
C ARG A 36 -5.29 3.10 7.73
N GLU A 37 -4.53 2.14 7.22
CA GLU A 37 -3.69 2.35 6.05
C GLU A 37 -2.64 3.46 6.19
N PRO A 38 -1.74 3.36 7.18
CA PRO A 38 -0.73 4.41 7.33
C PRO A 38 0.35 4.30 6.24
N PHE A 39 -0.05 4.48 4.98
CA PHE A 39 0.91 4.38 3.89
C PHE A 39 1.87 5.58 3.81
N VAL A 40 3.02 5.34 3.20
CA VAL A 40 4.03 6.37 3.08
C VAL A 40 4.32 6.76 1.64
N SER A 41 4.58 8.05 1.43
CA SER A 41 4.96 8.59 0.13
C SER A 41 5.87 9.78 0.43
N CYS A 42 6.85 10.01 -0.45
CA CYS A 42 7.81 11.09 -0.21
C CYS A 42 7.85 12.19 -1.27
N SER A 43 8.16 13.40 -0.81
CA SER A 43 8.30 14.54 -1.70
C SER A 43 9.81 14.70 -1.76
N PRO A 44 10.31 15.56 -2.65
CA PRO A 44 11.77 15.69 -2.70
C PRO A 44 12.37 16.32 -1.43
N ILE A 45 11.51 16.69 -0.48
CA ILE A 45 11.97 17.30 0.76
C ILE A 45 11.73 16.44 2.01
N GLU A 46 10.69 15.61 1.98
CA GLU A 46 10.39 14.76 3.14
C GLU A 46 9.42 13.64 2.81
N CYS A 47 9.41 12.63 3.68
CA CYS A 47 8.48 11.52 3.51
C CYS A 47 7.39 11.71 4.53
N ARG A 48 6.15 11.51 4.11
CA ARG A 48 5.03 11.67 5.04
C ARG A 48 4.26 10.37 5.17
N THR A 49 3.54 10.24 6.29
CA THR A 49 2.70 9.07 6.54
C THR A 49 1.25 9.54 6.37
N PHE A 50 0.56 9.03 5.36
CA PHE A 50 -0.83 9.38 5.14
C PHE A 50 -1.68 8.31 5.84
N PHE A 51 -2.94 8.62 6.11
CA PHE A 51 -3.82 7.66 6.79
C PHE A 51 -5.29 8.08 6.76
N LEU A 52 -6.18 7.15 7.05
CA LEU A 52 -7.61 7.45 7.07
C LEU A 52 -8.09 7.65 8.50
N THR A 53 -9.00 8.60 8.70
CA THR A 53 -9.51 8.87 10.02
C THR A 53 -11.02 8.95 10.02
N GLN A 54 -11.62 8.58 11.14
CA GLN A 54 -13.06 8.63 11.33
C GLN A 54 -13.36 9.86 12.16
N GLY A 55 -12.32 10.67 12.37
CA GLY A 55 -12.47 11.88 13.17
C GLY A 55 -12.52 11.48 14.64
N SER A 56 -12.13 10.25 14.92
CA SER A 56 -12.15 9.71 16.27
C SER A 56 -10.76 9.62 16.87
N LEU A 57 -10.70 9.60 18.21
CA LEU A 57 -9.42 9.50 18.91
C LEU A 57 -9.41 8.26 19.80
N LEU A 58 -8.29 7.58 19.86
CA LEU A 58 -8.16 6.38 20.69
C LEU A 58 -8.57 6.74 22.12
N ASN A 59 -9.21 5.78 22.78
CA ASN A 59 -9.71 5.93 24.16
C ASN A 59 -10.88 6.88 24.26
N ASP A 60 -11.63 7.02 23.17
CA ASP A 60 -12.80 7.89 23.16
C ASP A 60 -13.92 7.01 22.65
N LYS A 61 -15.15 7.31 23.05
CA LYS A 61 -16.30 6.51 22.63
C LYS A 61 -16.56 6.55 21.13
N HIS A 62 -15.99 7.53 20.44
CA HIS A 62 -16.19 7.65 19.00
C HIS A 62 -15.39 6.61 18.22
N SER A 63 -14.36 6.06 18.85
CA SER A 63 -13.54 5.03 18.21
C SER A 63 -14.32 3.73 18.28
N ASN A 64 -15.61 3.84 18.55
CA ASN A 64 -16.52 2.70 18.69
C ASN A 64 -16.45 1.65 17.59
N GLY A 65 -15.58 1.86 16.60
CA GLY A 65 -15.40 0.88 15.53
C GLY A 65 -16.63 0.35 14.81
N THR A 66 -17.81 0.61 15.34
CA THR A 66 -19.04 0.16 14.70
C THR A 66 -19.35 1.00 13.46
N VAL A 67 -18.68 2.14 13.34
CA VAL A 67 -18.88 3.01 12.19
C VAL A 67 -18.34 2.31 10.93
N LYS A 68 -19.12 2.33 9.86
CA LYS A 68 -18.74 1.69 8.61
C LYS A 68 -17.43 2.26 8.07
N ASP A 69 -16.66 1.44 7.38
CA ASP A 69 -15.40 1.90 6.82
C ASP A 69 -15.69 3.07 5.88
N ARG A 70 -16.65 2.88 4.99
CA ARG A 70 -17.01 3.92 4.06
C ARG A 70 -18.08 4.85 4.63
N SER A 71 -17.72 5.56 5.71
CA SER A 71 -18.65 6.50 6.35
C SER A 71 -18.46 7.91 5.82
N PRO A 72 -19.40 8.80 6.15
CA PRO A 72 -19.31 10.18 5.69
C PRO A 72 -18.32 11.01 6.50
N PHE A 73 -17.60 10.36 7.42
CA PHE A 73 -16.63 11.07 8.25
C PHE A 73 -15.20 10.81 7.82
N ARG A 74 -14.95 9.62 7.29
CA ARG A 74 -13.61 9.22 6.85
C ARG A 74 -12.93 10.31 6.03
N THR A 75 -11.71 10.66 6.44
CA THR A 75 -10.91 11.67 5.77
C THR A 75 -9.46 11.23 5.72
N LEU A 76 -8.76 11.69 4.69
CA LEU A 76 -7.34 11.38 4.52
C LEU A 76 -6.58 12.56 5.14
N MET A 77 -5.61 12.25 6.00
CA MET A 77 -4.80 13.26 6.65
C MET A 77 -3.37 12.76 6.63
N SER A 78 -2.43 13.54 7.15
CA SER A 78 -1.05 13.09 7.15
C SER A 78 -0.12 13.81 8.12
N VAL A 79 1.02 13.18 8.38
CA VAL A 79 2.04 13.73 9.26
C VAL A 79 3.40 13.32 8.67
N GLU A 80 4.50 13.75 9.26
CA GLU A 80 5.79 13.36 8.72
C GLU A 80 6.06 11.93 9.19
N VAL A 81 6.72 11.14 8.36
CA VAL A 81 7.01 9.76 8.68
C VAL A 81 7.60 9.62 10.06
N GLY A 82 7.05 8.70 10.85
CA GLY A 82 7.54 8.48 12.20
C GLY A 82 6.71 9.14 13.28
N GLN A 83 6.13 10.29 12.97
CA GLN A 83 5.29 10.97 13.95
C GLN A 83 4.01 10.16 14.01
N SER A 84 3.33 10.21 15.15
CA SER A 84 2.09 9.48 15.27
C SER A 84 1.02 10.28 14.54
N PRO A 85 -0.08 9.63 14.15
CA PRO A 85 -1.14 10.34 13.44
C PRO A 85 -1.93 11.16 14.47
N ASN A 86 -1.22 12.05 15.17
CA ASN A 86 -1.83 12.88 16.20
C ASN A 86 -2.54 14.08 15.59
N VAL A 87 -3.61 14.48 16.25
CA VAL A 87 -4.44 15.61 15.84
C VAL A 87 -3.67 16.91 15.63
N TYR A 88 -2.76 17.22 16.54
CA TYR A 88 -2.02 18.48 16.48
C TYR A 88 -0.87 18.65 15.51
N GLN A 89 -0.43 17.59 14.84
CA GLN A 89 0.64 17.72 13.86
C GLN A 89 0.11 17.31 12.48
N ALA A 90 -1.17 16.95 12.44
CA ALA A 90 -1.79 16.49 11.22
C ALA A 90 -2.15 17.56 10.18
N ARG A 91 -2.05 17.14 8.92
CA ARG A 91 -2.38 18.00 7.79
C ARG A 91 -3.58 17.36 7.11
N PHE A 92 -4.61 18.15 6.83
CA PHE A 92 -5.79 17.61 6.16
C PHE A 92 -5.45 17.43 4.70
N GLU A 93 -5.97 16.37 4.09
CA GLU A 93 -5.69 16.11 2.68
C GLU A 93 -6.95 16.06 1.82
N ALA A 94 -7.87 15.18 2.16
CA ALA A 94 -9.10 15.06 1.39
C ALA A 94 -10.13 14.14 2.04
N VAL A 95 -11.40 14.40 1.77
CA VAL A 95 -12.48 13.58 2.29
C VAL A 95 -12.33 12.24 1.58
N ALA A 96 -12.19 11.14 2.33
CA ALA A 96 -12.00 9.84 1.70
C ALA A 96 -12.05 8.59 2.59
N TRP A 97 -12.55 7.48 2.01
CA TRP A 97 -12.57 6.20 2.72
C TRP A 97 -11.73 5.21 1.92
N SER A 98 -10.98 5.78 0.98
CA SER A 98 -10.04 5.08 0.10
C SER A 98 -9.22 6.22 -0.55
N ALA A 99 -7.90 6.10 -0.53
CA ALA A 99 -7.07 7.15 -1.09
C ALA A 99 -5.71 6.71 -1.65
N THR A 100 -5.03 7.68 -2.26
CA THR A 100 -3.70 7.47 -2.82
C THR A 100 -3.06 8.85 -2.85
N ALA A 101 -1.73 8.89 -2.80
CA ALA A 101 -1.02 10.16 -2.82
C ALA A 101 0.42 10.00 -3.26
N CYS A 102 0.92 11.04 -3.93
CA CYS A 102 2.30 11.08 -4.42
C CYS A 102 2.62 12.52 -4.69
N HIS A 103 3.92 12.81 -4.74
CA HIS A 103 4.38 14.16 -4.97
C HIS A 103 5.08 14.12 -6.33
N ASP A 104 4.92 15.16 -7.14
CA ASP A 104 5.55 15.18 -8.46
C ASP A 104 6.84 16.00 -8.50
N GLY A 105 7.23 16.55 -7.36
CA GLY A 105 8.44 17.36 -7.30
C GLY A 105 8.14 18.78 -6.88
N LYS A 106 6.95 19.25 -7.23
CA LYS A 106 6.54 20.61 -6.89
C LYS A 106 5.50 20.58 -5.77
N LYS A 107 4.37 19.94 -6.03
CA LYS A 107 3.31 19.87 -5.03
C LYS A 107 2.82 18.46 -4.76
N TRP A 108 1.97 18.32 -3.76
CA TRP A 108 1.40 17.02 -3.40
C TRP A 108 0.09 16.82 -4.14
N MET A 109 -0.10 15.65 -4.73
CA MET A 109 -1.36 15.35 -5.37
C MET A 109 -1.95 14.22 -4.53
N THR A 110 -3.21 14.33 -4.17
CA THR A 110 -3.85 13.29 -3.37
C THR A 110 -5.18 12.98 -4.04
N VAL A 111 -5.68 11.78 -3.81
CA VAL A 111 -6.94 11.37 -4.39
C VAL A 111 -7.86 10.74 -3.36
N GLY A 112 -8.88 11.47 -2.95
CA GLY A 112 -9.80 10.94 -1.97
C GLY A 112 -11.11 10.50 -2.60
N VAL A 113 -11.48 9.26 -2.36
CA VAL A 113 -12.74 8.72 -2.89
C VAL A 113 -13.70 8.72 -1.72
N THR A 114 -14.89 9.29 -1.93
CA THR A 114 -15.90 9.33 -0.89
C THR A 114 -17.24 9.28 -1.57
N GLY A 115 -18.31 9.46 -0.82
CA GLY A 115 -19.64 9.40 -1.43
C GLY A 115 -20.26 8.01 -1.27
N PRO A 116 -21.41 7.76 -1.91
CA PRO A 116 -22.12 6.48 -1.84
C PRO A 116 -21.49 5.35 -2.66
N ASP A 117 -21.76 4.12 -2.23
CA ASP A 117 -21.24 2.92 -2.88
C ASP A 117 -21.54 2.80 -4.38
N SER A 118 -22.78 3.10 -4.76
CA SER A 118 -23.19 2.98 -6.17
C SER A 118 -22.88 4.19 -7.05
N LYS A 119 -22.35 5.26 -6.46
CA LYS A 119 -22.07 6.48 -7.20
C LYS A 119 -20.96 7.29 -6.51
N ALA A 120 -19.94 6.59 -6.02
CA ALA A 120 -18.86 7.26 -5.32
C ALA A 120 -18.14 8.26 -6.23
N VAL A 121 -17.38 9.16 -5.61
CA VAL A 121 -16.62 10.16 -6.35
C VAL A 121 -15.22 10.26 -5.78
N ALA A 122 -14.24 10.30 -6.67
CA ALA A 122 -12.85 10.41 -6.25
C ALA A 122 -12.40 11.82 -6.62
N VAL A 123 -12.11 12.60 -5.59
CA VAL A 123 -11.65 13.97 -5.78
C VAL A 123 -10.15 14.01 -5.83
N ILE A 124 -9.61 14.64 -6.87
CA ILE A 124 -8.17 14.79 -7.01
C ILE A 124 -7.78 16.16 -6.47
N HIS A 125 -6.80 16.18 -5.56
CA HIS A 125 -6.33 17.43 -4.98
C HIS A 125 -4.92 17.68 -5.47
N TYR A 126 -4.58 18.95 -5.65
CA TYR A 126 -3.25 19.31 -6.06
C TYR A 126 -2.86 20.60 -5.33
N GLY A 127 -1.79 20.53 -4.55
CA GLY A 127 -1.34 21.69 -3.81
C GLY A 127 -2.32 22.08 -2.72
N GLY A 128 -2.97 21.09 -2.10
CA GLY A 128 -3.91 21.37 -1.03
C GLY A 128 -5.25 21.94 -1.45
N VAL A 129 -5.68 21.65 -2.68
CA VAL A 129 -6.95 22.14 -3.19
C VAL A 129 -7.48 21.22 -4.29
N PRO A 130 -8.80 20.95 -4.31
CA PRO A 130 -9.37 20.07 -5.35
C PRO A 130 -9.18 20.64 -6.75
N THR A 131 -8.78 19.79 -7.69
CA THR A 131 -8.57 20.22 -9.07
C THR A 131 -9.35 19.43 -10.10
N ASP A 132 -9.60 18.15 -9.86
CA ASP A 132 -10.36 17.36 -10.81
C ASP A 132 -11.14 16.25 -10.13
N VAL A 133 -12.01 15.60 -10.89
CA VAL A 133 -12.85 14.55 -10.35
C VAL A 133 -12.98 13.34 -11.25
N VAL A 134 -13.31 12.22 -10.64
CA VAL A 134 -13.52 10.95 -11.33
C VAL A 134 -14.77 10.34 -10.68
N ASN A 135 -15.83 10.10 -11.44
CA ASN A 135 -17.01 9.48 -10.87
C ASN A 135 -17.00 7.98 -11.14
N SER A 136 -17.61 7.23 -10.23
CA SER A 136 -17.69 5.78 -10.36
C SER A 136 -18.18 5.47 -11.76
N TRP A 137 -17.38 4.74 -12.53
CA TRP A 137 -17.75 4.41 -13.90
C TRP A 137 -18.46 3.07 -13.96
N ALA A 138 -18.45 2.34 -12.85
CA ALA A 138 -19.08 1.03 -12.82
C ALA A 138 -20.10 0.92 -11.69
N GLY A 139 -20.34 2.02 -11.00
CA GLY A 139 -21.34 2.05 -9.93
C GLY A 139 -21.29 1.00 -8.83
N ASP A 140 -20.10 0.61 -8.39
CA ASP A 140 -19.94 -0.37 -7.31
C ASP A 140 -18.63 -0.20 -6.55
N ILE A 141 -18.69 0.64 -5.52
CA ILE A 141 -17.58 0.99 -4.64
C ILE A 141 -16.24 1.32 -5.32
N LEU A 142 -16.18 2.47 -5.98
CA LEU A 142 -14.95 2.92 -6.63
C LEU A 142 -13.87 3.02 -5.57
N ARG A 143 -12.68 2.52 -5.86
CA ARG A 143 -11.59 2.54 -4.90
C ARG A 143 -10.21 2.60 -5.54
N THR A 144 -9.18 2.77 -4.70
CA THR A 144 -7.82 2.85 -5.23
C THR A 144 -6.78 2.19 -4.31
N GLN A 145 -5.50 2.43 -4.62
CA GLN A 145 -4.36 1.84 -3.93
C GLN A 145 -4.20 1.76 -2.41
N GLU A 146 -4.50 2.84 -1.70
CA GLU A 146 -4.33 2.87 -0.24
C GLU A 146 -2.83 2.86 0.05
N SER A 147 -2.05 3.35 -0.90
CA SER A 147 -0.60 3.43 -0.76
C SER A 147 -0.15 4.46 -1.79
N SER A 148 1.12 4.83 -1.76
CA SER A 148 1.66 5.83 -2.68
C SER A 148 1.39 5.62 -4.16
N CYS A 149 1.06 6.71 -4.85
CA CYS A 149 0.86 6.64 -6.29
C CYS A 149 2.24 6.90 -6.88
N THR A 150 2.30 7.14 -8.18
CA THR A 150 3.62 7.30 -8.79
C THR A 150 3.74 8.40 -9.83
N CYS A 151 4.64 9.34 -9.59
CA CYS A 151 4.83 10.41 -10.54
C CYS A 151 6.15 10.20 -11.25
N ILE A 152 6.14 10.38 -12.57
CA ILE A 152 7.36 10.23 -13.34
C ILE A 152 7.43 11.37 -14.33
N GLN A 153 8.40 12.25 -14.15
CA GLN A 153 8.59 13.40 -15.02
C GLN A 153 7.38 14.33 -15.13
N GLY A 154 6.67 14.51 -14.01
CA GLY A 154 5.52 15.42 -14.04
C GLY A 154 4.15 14.79 -14.10
N ASP A 155 4.04 13.60 -14.68
CA ASP A 155 2.76 12.91 -14.77
C ASP A 155 2.67 11.86 -13.68
N CYS A 156 1.55 11.82 -12.97
CA CYS A 156 1.38 10.83 -11.91
C CYS A 156 0.36 9.77 -12.30
N TYR A 157 0.65 8.52 -11.94
CA TYR A 157 -0.21 7.41 -12.29
C TYR A 157 -0.71 6.62 -11.07
N TRP A 158 -1.90 6.05 -11.20
CA TRP A 158 -2.44 5.23 -10.13
C TRP A 158 -3.51 4.32 -10.71
N VAL A 159 -3.78 3.25 -9.99
CA VAL A 159 -4.74 2.25 -10.42
C VAL A 159 -6.02 2.34 -9.60
N MET A 160 -7.16 2.13 -10.26
CA MET A 160 -8.45 2.18 -9.60
C MET A 160 -9.31 0.99 -10.02
N THR A 161 -10.08 0.52 -9.05
CA THR A 161 -10.96 -0.61 -9.21
C THR A 161 -12.40 -0.21 -8.91
N ASP A 162 -13.31 -0.66 -9.77
CA ASP A 162 -14.74 -0.40 -9.58
C ASP A 162 -15.48 -1.67 -9.94
N GLY A 163 -16.22 -2.20 -8.98
CA GLY A 163 -16.96 -3.43 -9.22
C GLY A 163 -16.89 -4.36 -8.03
N PRO A 164 -17.51 -5.54 -8.10
CA PRO A 164 -17.48 -6.48 -6.97
C PRO A 164 -16.08 -6.84 -6.46
N ALA A 165 -16.03 -7.29 -5.21
CA ALA A 165 -14.76 -7.68 -4.59
C ALA A 165 -14.50 -9.17 -4.80
N ASN A 166 -15.47 -9.85 -5.43
CA ASN A 166 -15.36 -11.28 -5.72
C ASN A 166 -15.14 -11.41 -7.21
N ARG A 167 -16.20 -11.82 -7.90
CA ARG A 167 -16.15 -11.99 -9.34
C ARG A 167 -15.44 -10.83 -10.05
N GLN A 168 -15.31 -10.94 -11.36
CA GLN A 168 -14.67 -9.89 -12.14
C GLN A 168 -15.10 -8.50 -11.70
N ALA A 169 -14.14 -7.59 -11.67
CA ALA A 169 -14.42 -6.20 -11.34
C ALA A 169 -13.77 -5.50 -12.54
N GLN A 170 -13.82 -4.17 -12.57
CA GLN A 170 -13.19 -3.46 -13.68
C GLN A 170 -12.03 -2.67 -13.13
N TYR A 171 -10.91 -2.67 -13.86
CA TYR A 171 -9.72 -1.96 -13.38
C TYR A 171 -9.24 -0.94 -14.41
N ARG A 172 -8.81 0.21 -13.90
CA ARG A 172 -8.33 1.29 -14.74
C ARG A 172 -7.09 1.94 -14.22
N ILE A 173 -6.31 2.49 -15.16
CA ILE A 173 -5.08 3.19 -14.85
C ILE A 173 -5.35 4.66 -15.15
N TYR A 174 -5.06 5.54 -14.20
CA TYR A 174 -5.28 6.95 -14.46
C TYR A 174 -3.96 7.71 -14.49
N LYS A 175 -3.94 8.79 -15.26
CA LYS A 175 -2.75 9.60 -15.41
C LYS A 175 -3.10 11.07 -15.31
N ALA A 176 -2.42 11.79 -14.43
CA ALA A 176 -2.69 13.20 -14.28
C ALA A 176 -1.42 14.04 -14.26
N ASN A 177 -1.61 15.35 -14.35
CA ASN A 177 -0.53 16.32 -14.27
C ASN A 177 -1.13 17.54 -13.63
N GLN A 178 -0.51 17.98 -12.54
CA GLN A 178 -0.99 19.13 -11.80
C GLN A 178 -2.44 18.96 -11.36
N GLY A 179 -2.76 17.77 -10.87
CA GLY A 179 -4.10 17.48 -10.38
C GLY A 179 -5.16 17.41 -11.45
N ARG A 180 -4.75 17.40 -12.72
CA ARG A 180 -5.70 17.31 -13.81
C ARG A 180 -5.57 16.03 -14.61
N ILE A 181 -6.64 15.25 -14.65
CA ILE A 181 -6.63 14.01 -15.40
C ILE A 181 -6.40 14.27 -16.87
N ILE A 182 -5.31 13.72 -17.42
CA ILE A 182 -5.02 13.93 -18.83
C ILE A 182 -5.01 12.62 -19.63
N GLY A 183 -5.40 11.53 -19.01
CA GLY A 183 -5.43 10.26 -19.70
C GLY A 183 -5.84 9.12 -18.79
N GLN A 184 -6.51 8.11 -19.35
CA GLN A 184 -6.94 6.96 -18.57
C GLN A 184 -6.91 5.69 -19.42
N THR A 185 -7.12 4.54 -18.80
CA THR A 185 -7.10 3.27 -19.53
C THR A 185 -7.79 2.09 -18.86
N ASP A 186 -8.52 1.31 -19.66
CA ASP A 186 -9.21 0.13 -19.18
C ASP A 186 -8.24 -1.04 -19.22
N ILE A 187 -8.24 -1.83 -18.15
CA ILE A 187 -7.37 -2.99 -18.04
C ILE A 187 -8.11 -4.29 -18.32
N SER A 188 -7.70 -4.98 -19.37
CA SER A 188 -8.34 -6.25 -19.69
C SER A 188 -7.64 -7.32 -18.86
N PHE A 189 -8.39 -7.92 -17.95
CA PHE A 189 -7.84 -8.92 -17.06
C PHE A 189 -8.94 -9.91 -16.64
N ASN A 190 -9.58 -10.51 -17.64
CA ASN A 190 -10.65 -11.48 -17.40
C ASN A 190 -10.17 -12.70 -16.60
N GLY A 191 -10.87 -12.99 -15.52
CA GLY A 191 -10.51 -14.11 -14.68
C GLY A 191 -9.58 -13.61 -13.59
N GLY A 192 -9.02 -12.42 -13.81
CA GLY A 192 -8.11 -11.83 -12.84
C GLY A 192 -8.77 -10.75 -12.01
N HIS A 193 -8.22 -10.47 -10.84
CA HIS A 193 -8.80 -9.45 -9.96
C HIS A 193 -7.70 -8.51 -9.45
N ILE A 194 -8.01 -7.22 -9.41
CA ILE A 194 -7.04 -6.22 -8.94
C ILE A 194 -7.59 -5.28 -7.85
N GLU A 195 -6.83 -5.17 -6.76
CA GLU A 195 -7.21 -4.31 -5.66
C GLU A 195 -5.96 -3.77 -4.96
N GLU A 196 -6.12 -2.62 -4.30
CA GLU A 196 -5.07 -2.00 -3.51
C GLU A 196 -3.63 -2.15 -4.04
N CYS A 197 -3.39 -1.70 -5.27
CA CYS A 197 -2.07 -1.80 -5.86
C CYS A 197 -0.98 -1.03 -5.14
N SER A 198 0.19 -1.65 -5.02
CA SER A 198 1.36 -1.03 -4.39
C SER A 198 2.33 -0.84 -5.55
N CYS A 199 2.52 0.40 -5.94
CA CYS A 199 3.37 0.71 -7.08
C CYS A 199 4.65 1.42 -6.70
N TYR A 200 5.42 1.75 -7.73
CA TYR A 200 6.69 2.43 -7.61
C TYR A 200 7.29 2.56 -9.00
N PRO A 201 8.07 3.63 -9.23
CA PRO A 201 8.69 3.82 -10.54
C PRO A 201 9.90 2.92 -10.67
N ASN A 202 10.14 2.44 -11.89
CA ASN A 202 11.29 1.57 -12.16
C ASN A 202 11.57 1.69 -13.65
N ASP A 203 12.80 2.08 -13.98
CA ASP A 203 13.22 2.25 -15.37
C ASP A 203 12.26 3.05 -16.24
N GLY A 204 11.69 4.12 -15.71
CA GLY A 204 10.78 4.94 -16.49
C GLY A 204 9.37 4.41 -16.63
N LYS A 205 9.09 3.29 -15.99
CA LYS A 205 7.76 2.69 -16.02
C LYS A 205 7.24 2.55 -14.60
N VAL A 206 5.94 2.33 -14.47
CA VAL A 206 5.33 2.18 -13.17
C VAL A 206 4.99 0.72 -12.93
N GLU A 207 5.62 0.14 -11.93
CA GLU A 207 5.35 -1.25 -11.61
C GLU A 207 4.47 -1.31 -10.38
N CYS A 208 3.54 -2.25 -10.38
CA CYS A 208 2.64 -2.41 -9.24
C CYS A 208 2.42 -3.89 -8.95
N VAL A 209 2.39 -4.22 -7.67
CA VAL A 209 2.12 -5.58 -7.23
C VAL A 209 0.82 -5.32 -6.48
N CYS A 210 -0.26 -5.94 -6.95
CA CYS A 210 -1.56 -5.70 -6.34
C CYS A 210 -2.15 -6.85 -5.52
N ARG A 211 -3.46 -6.86 -5.37
CA ARG A 211 -4.16 -7.88 -4.61
C ARG A 211 -5.32 -8.50 -5.37
N ASP A 212 -5.32 -9.82 -5.50
CA ASP A 212 -6.41 -10.52 -6.18
C ASP A 212 -7.33 -11.02 -5.05
N GLY A 213 -8.50 -10.41 -4.94
CA GLY A 213 -9.41 -10.79 -3.88
C GLY A 213 -10.46 -11.75 -4.34
N TRP A 214 -10.31 -12.23 -5.57
CA TRP A 214 -11.26 -13.14 -6.17
C TRP A 214 -10.86 -14.60 -6.06
N THR A 215 -9.71 -14.97 -6.62
CA THR A 215 -9.32 -16.37 -6.56
C THR A 215 -7.82 -16.63 -6.53
N GLY A 216 -7.01 -15.58 -6.47
CA GLY A 216 -5.57 -15.76 -6.47
C GLY A 216 -4.81 -15.51 -5.17
N THR A 217 -3.93 -16.46 -4.81
CA THR A 217 -3.11 -16.35 -3.61
C THR A 217 -1.77 -15.74 -4.00
N ASN A 218 -1.50 -15.69 -5.30
CA ASN A 218 -0.28 -15.07 -5.84
C ASN A 218 -0.75 -13.67 -6.20
N ARG A 219 0.15 -12.69 -6.18
CA ARG A 219 -0.25 -11.31 -6.45
C ARG A 219 -0.25 -10.87 -7.89
N PRO A 220 -1.32 -10.18 -8.31
CA PRO A 220 -1.36 -9.71 -9.69
C PRO A 220 -0.32 -8.61 -9.89
N VAL A 221 0.18 -8.48 -11.12
CA VAL A 221 1.21 -7.48 -11.42
C VAL A 221 0.95 -6.79 -12.76
N LEU A 222 1.15 -5.48 -12.80
CA LEU A 222 0.96 -4.76 -14.05
C LEU A 222 1.97 -3.63 -14.20
N VAL A 223 2.71 -3.66 -15.30
CA VAL A 223 3.71 -2.65 -15.60
C VAL A 223 3.09 -1.62 -16.53
N ILE A 224 3.04 -0.38 -16.06
CA ILE A 224 2.43 0.70 -16.83
C ILE A 224 3.47 1.57 -17.53
N SER A 225 3.25 1.80 -18.83
CA SER A 225 4.16 2.63 -19.60
C SER A 225 3.61 4.04 -19.53
N PRO A 226 4.45 5.05 -19.77
CA PRO A 226 3.94 6.42 -19.71
C PRO A 226 2.79 6.75 -20.67
N ASP A 227 2.63 5.95 -21.73
CA ASP A 227 1.55 6.20 -22.69
C ASP A 227 0.32 5.36 -22.36
N LEU A 228 0.31 4.85 -21.14
CA LEU A 228 -0.79 4.01 -20.65
C LEU A 228 -0.96 2.67 -21.33
N SER A 229 0.09 2.22 -22.01
CA SER A 229 0.07 0.90 -22.63
C SER A 229 0.48 0.08 -21.42
N TYR A 230 0.25 -1.22 -21.42
CA TYR A 230 0.62 -1.95 -20.23
C TYR A 230 0.73 -3.45 -20.39
N ARG A 231 1.21 -4.08 -19.35
CA ARG A 231 1.33 -5.53 -19.30
C ARG A 231 0.73 -5.88 -17.95
N VAL A 232 0.12 -7.05 -17.83
CA VAL A 232 -0.47 -7.41 -16.55
C VAL A 232 -0.55 -8.91 -16.38
N GLY A 233 -0.48 -9.37 -15.15
CA GLY A 233 -0.53 -10.79 -14.89
C GLY A 233 -0.28 -11.06 -13.42
N TYR A 234 0.61 -12.00 -13.14
CA TYR A 234 0.94 -12.30 -11.75
C TYR A 234 2.43 -12.39 -11.51
N LEU A 235 2.82 -12.23 -10.24
CA LEU A 235 4.22 -12.33 -9.89
C LEU A 235 4.57 -13.76 -10.28
N CYS A 236 5.46 -13.91 -11.25
CA CYS A 236 5.83 -15.23 -11.69
C CYS A 236 6.16 -16.17 -10.52
N ALA A 237 7.00 -15.69 -9.62
CA ALA A 237 7.45 -16.45 -8.45
C ALA A 237 6.58 -17.64 -8.03
N GLY A 238 7.23 -18.80 -7.90
CA GLY A 238 6.55 -20.01 -7.51
C GLY A 238 6.15 -20.07 -6.04
N ILE A 239 6.05 -18.90 -5.41
CA ILE A 239 5.65 -18.84 -4.01
C ILE A 239 4.52 -17.84 -3.85
N PRO A 240 3.44 -18.24 -3.15
CA PRO A 240 2.27 -17.40 -2.91
C PRO A 240 2.61 -16.35 -1.85
N SER A 241 2.22 -15.10 -2.10
CA SER A 241 2.51 -14.04 -1.15
C SER A 241 1.30 -13.28 -0.65
N ASP A 242 0.11 -13.87 -0.78
CA ASP A 242 -1.07 -13.18 -0.29
C ASP A 242 -1.52 -13.85 1.02
N THR A 243 -2.59 -13.34 1.63
CA THR A 243 -3.10 -13.91 2.87
C THR A 243 -4.63 -13.81 2.84
N PRO A 244 -5.33 -14.94 3.02
CA PRO A 244 -4.79 -16.28 3.24
C PRO A 244 -4.09 -16.88 2.03
N ARG A 245 -3.51 -18.05 2.22
CA ARG A 245 -2.79 -18.74 1.14
C ARG A 245 -2.44 -20.15 1.60
N GLY A 246 -1.98 -20.95 0.65
CA GLY A 246 -1.59 -22.31 0.98
C GLY A 246 -0.11 -22.38 1.29
N GLU A 247 0.42 -23.59 1.46
CA GLU A 247 1.84 -23.77 1.74
C GLU A 247 2.63 -23.55 0.46
N ASP A 248 3.89 -23.14 0.59
CA ASP A 248 4.75 -22.89 -0.57
C ASP A 248 4.98 -24.12 -1.44
N THR A 249 5.07 -25.27 -0.78
CA THR A 249 5.30 -26.55 -1.44
C THR A 249 4.16 -27.00 -2.31
N GLN A 250 2.95 -26.64 -1.90
CA GLN A 250 1.76 -27.01 -2.64
C GLN A 250 1.35 -25.88 -3.57
N PHE A 251 2.33 -25.09 -4.01
CA PHE A 251 2.04 -23.98 -4.91
C PHE A 251 2.92 -24.00 -6.15
N THR A 252 2.28 -23.91 -7.30
CA THR A 252 3.00 -23.85 -8.56
C THR A 252 2.75 -22.44 -9.08
N GLY A 253 3.81 -21.64 -9.13
CA GLY A 253 3.70 -20.26 -9.59
C GLY A 253 3.23 -20.10 -11.01
N SER A 254 2.79 -18.89 -11.34
CA SER A 254 2.33 -18.59 -12.69
C SER A 254 2.39 -17.10 -12.94
N CYS A 255 2.93 -16.71 -14.10
CA CYS A 255 3.02 -15.30 -14.45
C CYS A 255 1.73 -14.86 -15.10
N THR A 256 0.93 -15.84 -15.51
CA THR A 256 -0.32 -15.60 -16.23
C THR A 256 -1.59 -15.43 -15.41
N SER A 257 -2.12 -16.54 -14.91
CA SER A 257 -3.35 -16.50 -14.15
C SER A 257 -3.12 -16.73 -12.66
N PRO A 258 -4.20 -16.59 -11.86
CA PRO A 258 -4.07 -16.79 -10.42
C PRO A 258 -3.96 -18.27 -10.10
N MET A 259 -3.24 -18.57 -9.03
CA MET A 259 -3.07 -19.94 -8.60
C MET A 259 -3.56 -20.01 -7.15
N GLY A 260 -4.09 -21.16 -6.75
CA GLY A 260 -4.59 -21.29 -5.39
C GLY A 260 -6.09 -21.06 -5.41
N ASN A 261 -6.84 -21.79 -4.60
CA ASN A 261 -8.29 -21.60 -4.60
C ASN A 261 -8.74 -20.50 -3.66
N GLN A 262 -7.86 -20.10 -2.74
CA GLN A 262 -8.17 -19.05 -1.78
C GLN A 262 -8.78 -17.84 -2.49
N GLY A 263 -9.72 -17.17 -1.84
CA GLY A 263 -10.34 -16.02 -2.47
C GLY A 263 -10.07 -14.66 -1.86
N TYR A 264 -10.06 -14.57 -0.53
CA TYR A 264 -9.86 -13.28 0.10
C TYR A 264 -8.53 -12.60 -0.29
N GLY A 265 -7.81 -12.07 0.70
CA GLY A 265 -6.54 -11.44 0.40
C GLY A 265 -6.22 -10.28 1.31
N VAL A 266 -5.05 -9.67 1.10
CA VAL A 266 -4.64 -8.52 1.88
C VAL A 266 -3.69 -7.71 1.02
N LYS A 267 -3.62 -6.41 1.26
CA LYS A 267 -2.74 -5.56 0.46
C LYS A 267 -1.30 -5.92 0.77
N GLY A 268 -0.52 -6.03 -0.29
CA GLY A 268 0.89 -6.35 -0.15
C GLY A 268 1.68 -5.57 -1.17
N PHE A 269 2.97 -5.88 -1.28
CA PHE A 269 3.85 -5.18 -2.20
C PHE A 269 4.95 -6.12 -2.66
N GLY A 270 5.76 -5.64 -3.59
CA GLY A 270 6.86 -6.42 -4.11
C GLY A 270 7.75 -5.53 -4.94
N PHE A 271 9.05 -5.83 -4.92
CA PHE A 271 10.02 -5.05 -5.66
C PHE A 271 10.85 -5.86 -6.65
N ARG A 272 10.90 -5.37 -7.87
CA ARG A 272 11.66 -6.02 -8.93
C ARG A 272 13.13 -5.71 -8.68
N GLN A 273 13.96 -6.74 -8.75
CA GLN A 273 15.40 -6.59 -8.58
C GLN A 273 15.98 -7.24 -9.82
N GLY A 274 15.96 -6.48 -10.91
CA GLY A 274 16.45 -6.99 -12.17
C GLY A 274 15.45 -8.02 -12.64
N THR A 275 15.74 -9.28 -12.30
CA THR A 275 14.89 -10.41 -12.65
C THR A 275 14.41 -11.08 -11.36
N ASP A 276 15.07 -10.73 -10.26
CA ASP A 276 14.72 -11.26 -8.95
C ASP A 276 13.56 -10.47 -8.41
N VAL A 277 13.08 -10.84 -7.22
CA VAL A 277 11.99 -10.12 -6.59
C VAL A 277 11.97 -10.17 -5.09
N TRP A 278 11.64 -9.03 -4.50
CA TRP A 278 11.49 -8.95 -3.07
C TRP A 278 9.98 -8.96 -2.94
N MET A 279 9.45 -9.93 -2.19
CA MET A 279 8.01 -10.03 -1.99
C MET A 279 7.74 -10.08 -0.49
N GLY A 280 6.81 -9.26 -0.05
CA GLY A 280 6.47 -9.24 1.36
C GLY A 280 5.29 -10.15 1.62
N ARG A 281 5.06 -10.49 2.87
CA ARG A 281 3.92 -11.33 3.21
C ARG A 281 3.82 -11.60 4.69
N THR A 282 2.60 -11.86 5.13
CA THR A 282 2.38 -12.18 6.52
C THR A 282 3.11 -13.50 6.71
N ILE A 283 3.62 -13.75 7.91
CA ILE A 283 4.31 -15.01 8.14
C ILE A 283 3.26 -16.11 8.18
N SER A 284 2.16 -15.84 8.86
CA SER A 284 1.09 -16.81 8.94
C SER A 284 0.40 -16.85 7.58
N ARG A 285 0.11 -18.05 7.09
CA ARG A 285 -0.54 -18.23 5.79
C ARG A 285 -2.05 -18.01 5.95
N THR A 286 -2.49 -17.96 7.21
CA THR A 286 -3.91 -17.80 7.51
C THR A 286 -4.29 -16.45 8.11
N SER A 287 -3.44 -15.92 8.98
CA SER A 287 -3.73 -14.65 9.64
C SER A 287 -2.79 -13.53 9.25
N ARG A 288 -3.25 -12.30 9.53
CA ARG A 288 -2.49 -11.11 9.28
C ARG A 288 -1.57 -10.92 10.46
N SER A 289 -0.72 -11.93 10.69
CA SER A 289 0.21 -11.92 11.79
C SER A 289 1.63 -12.12 11.29
N GLY A 290 2.56 -11.41 11.90
CA GLY A 290 3.95 -11.50 11.50
C GLY A 290 4.14 -10.87 10.13
N PHE A 291 5.40 -10.63 9.78
CA PHE A 291 5.71 -10.06 8.47
C PHE A 291 7.16 -10.36 8.13
N GLU A 292 7.35 -11.01 6.99
CA GLU A 292 8.66 -11.36 6.51
C GLU A 292 8.75 -10.85 5.09
N ILE A 293 9.96 -10.78 4.58
CA ILE A 293 10.18 -10.30 3.23
C ILE A 293 11.23 -11.21 2.62
N LEU A 294 10.82 -11.96 1.60
CA LEU A 294 11.71 -12.90 0.93
C LEU A 294 12.18 -12.45 -0.45
N ARG A 295 13.41 -12.82 -0.80
CA ARG A 295 13.92 -12.49 -2.13
C ARG A 295 14.05 -13.80 -2.90
N ILE A 296 13.34 -13.87 -4.03
CA ILE A 296 13.35 -15.06 -4.89
C ILE A 296 14.15 -14.76 -6.14
N LYS A 297 15.11 -15.62 -6.46
CA LYS A 297 15.93 -15.39 -7.65
C LYS A 297 15.09 -15.60 -8.89
N ASN A 298 15.23 -14.70 -9.87
CA ASN A 298 14.46 -14.79 -11.10
C ASN A 298 12.96 -14.91 -10.83
N GLY A 299 12.53 -14.63 -9.61
CA GLY A 299 11.13 -14.71 -9.25
C GLY A 299 10.20 -13.74 -9.96
N TRP A 300 10.76 -12.75 -10.63
CA TRP A 300 9.94 -11.78 -11.32
C TRP A 300 9.61 -12.24 -12.73
N THR A 301 10.50 -13.03 -13.32
CA THR A 301 10.31 -13.51 -14.67
C THR A 301 10.19 -15.03 -14.79
N GLN A 302 10.39 -15.74 -13.69
CA GLN A 302 10.31 -17.19 -13.75
C GLN A 302 9.50 -17.75 -12.58
N THR A 303 8.88 -18.90 -12.81
CA THR A 303 8.07 -19.55 -11.79
C THR A 303 9.02 -20.12 -10.75
N SER A 304 10.07 -19.35 -10.47
CA SER A 304 11.11 -19.73 -9.51
C SER A 304 10.69 -19.72 -8.05
N LYS A 305 11.34 -20.58 -7.27
CA LYS A 305 11.08 -20.65 -5.85
C LYS A 305 12.41 -20.77 -5.13
N GLU A 306 13.44 -20.18 -5.75
CA GLU A 306 14.79 -20.18 -5.17
C GLU A 306 15.01 -19.01 -4.22
N GLN A 307 14.69 -19.22 -2.94
CA GLN A 307 14.85 -18.18 -1.92
C GLN A 307 16.31 -17.82 -1.62
N ILE A 308 16.72 -16.63 -2.03
CA ILE A 308 18.08 -16.15 -1.80
C ILE A 308 18.21 -15.51 -0.42
N ARG A 309 17.15 -14.84 0.04
CA ARG A 309 17.16 -14.17 1.34
C ARG A 309 15.80 -14.13 2.02
N LYS A 310 15.80 -14.09 3.34
CA LYS A 310 14.58 -14.04 4.15
C LYS A 310 14.88 -13.17 5.36
N GLN A 311 14.16 -12.06 5.46
CA GLN A 311 14.33 -11.11 6.55
C GLN A 311 12.99 -10.87 7.26
N VAL A 312 12.97 -11.14 8.56
CA VAL A 312 11.76 -10.95 9.35
C VAL A 312 11.76 -9.58 10.01
N VAL A 313 10.64 -8.88 9.86
CA VAL A 313 10.47 -7.53 10.38
C VAL A 313 9.46 -7.50 11.52
N VAL A 314 8.56 -8.47 11.53
CA VAL A 314 7.55 -8.59 12.57
C VAL A 314 7.33 -10.06 12.85
N ASP A 315 7.68 -10.53 14.05
CA ASP A 315 7.53 -11.95 14.35
C ASP A 315 6.06 -12.40 14.32
N ASN A 316 5.86 -13.70 14.15
CA ASN A 316 4.51 -14.27 14.05
C ASN A 316 3.66 -14.25 15.32
N LEU A 317 4.18 -13.73 16.41
CA LEU A 317 3.41 -13.64 17.63
C LEU A 317 2.78 -12.25 17.70
N ASN A 318 2.98 -11.49 16.64
CA ASN A 318 2.45 -10.13 16.59
C ASN A 318 1.63 -9.82 15.34
N TRP A 319 0.61 -9.01 15.51
CA TRP A 319 -0.27 -8.65 14.40
C TRP A 319 0.38 -7.74 13.40
N SER A 320 0.01 -7.92 12.14
CA SER A 320 0.53 -7.10 11.07
C SER A 320 -0.69 -6.55 10.33
N GLY A 321 -0.68 -6.64 9.01
CA GLY A 321 -1.79 -6.12 8.24
C GLY A 321 -1.33 -5.65 6.87
N TYR A 322 -1.94 -4.57 6.40
CA TYR A 322 -1.57 -4.02 5.09
C TYR A 322 -0.09 -3.69 5.04
N SER A 323 0.43 -3.51 3.82
CA SER A 323 1.82 -3.16 3.60
C SER A 323 1.87 -2.54 2.21
N GLY A 324 2.72 -1.54 2.03
CA GLY A 324 2.77 -0.91 0.73
C GLY A 324 4.15 -0.47 0.32
N SER A 325 4.28 -0.13 -0.95
CA SER A 325 5.55 0.31 -1.50
C SER A 325 5.60 1.81 -1.74
N PHE A 326 6.83 2.32 -1.79
CA PHE A 326 7.06 3.72 -2.09
C PHE A 326 8.55 3.83 -2.37
N THR A 327 8.97 4.96 -2.93
CA THR A 327 10.35 5.14 -3.28
C THR A 327 10.94 6.38 -2.63
N LEU A 328 12.26 6.35 -2.35
CA LEU A 328 12.93 7.52 -1.77
C LEU A 328 13.40 8.38 -2.94
N PRO A 329 12.87 9.60 -3.06
CA PRO A 329 13.37 10.36 -4.21
C PRO A 329 14.90 10.44 -4.19
N VAL A 330 15.50 10.61 -5.37
CA VAL A 330 16.94 10.72 -5.50
C VAL A 330 17.45 11.93 -4.70
N GLU A 331 16.70 13.02 -4.75
CA GLU A 331 17.06 14.26 -4.06
C GLU A 331 17.11 14.14 -2.54
N LEU A 332 16.74 12.98 -2.00
CA LEU A 332 16.78 12.76 -0.57
C LEU A 332 17.81 11.72 -0.18
N SER A 333 17.90 10.65 -0.97
CA SER A 333 18.86 9.60 -0.68
C SER A 333 20.25 9.96 -1.17
N GLY A 334 20.29 10.80 -2.21
CA GLY A 334 21.57 11.20 -2.76
C GLY A 334 22.12 10.10 -3.64
N LYS A 335 21.29 9.08 -3.89
CA LYS A 335 21.66 7.93 -4.72
C LYS A 335 21.45 8.22 -6.20
N ASP A 336 21.83 7.27 -7.04
CA ASP A 336 21.66 7.41 -8.48
C ASP A 336 20.56 6.42 -8.90
N CYS A 337 20.05 5.68 -7.92
CA CYS A 337 18.98 4.72 -8.15
C CYS A 337 17.89 5.04 -7.13
N LEU A 338 16.68 4.52 -7.38
CA LEU A 338 15.53 4.74 -6.51
C LEU A 338 15.47 3.70 -5.38
N VAL A 339 15.79 4.13 -4.17
CA VAL A 339 15.77 3.25 -3.01
C VAL A 339 14.35 2.71 -2.77
N PRO A 340 14.17 1.38 -2.82
CA PRO A 340 12.85 0.80 -2.60
C PRO A 340 12.56 0.70 -1.12
N CYS A 341 11.39 1.20 -0.70
CA CYS A 341 11.01 1.15 0.71
C CYS A 341 9.57 0.67 0.80
N PHE A 342 9.20 0.15 1.98
CA PHE A 342 7.84 -0.30 2.18
C PHE A 342 7.42 0.00 3.61
N TRP A 343 6.13 -0.04 3.85
CA TRP A 343 5.60 0.20 5.18
C TRP A 343 4.75 -1.00 5.57
N VAL A 344 4.73 -1.30 6.86
CA VAL A 344 3.94 -2.42 7.35
C VAL A 344 2.99 -1.94 8.42
N GLU A 345 1.70 -1.97 8.10
CA GLU A 345 0.67 -1.56 9.05
C GLU A 345 0.49 -2.69 10.06
N MET A 346 0.30 -2.34 11.33
CA MET A 346 0.10 -3.35 12.37
C MET A 346 -1.23 -3.06 13.05
N ILE A 347 -2.21 -3.93 12.83
CA ILE A 347 -3.54 -3.76 13.37
C ILE A 347 -3.76 -4.30 14.80
N ARG A 348 -4.40 -3.48 15.63
CA ARG A 348 -4.68 -3.84 17.03
C ARG A 348 -6.16 -3.62 17.36
N GLY A 349 -6.70 -4.45 18.23
CA GLY A 349 -8.11 -4.33 18.61
C GLY A 349 -8.97 -5.31 17.81
N LYS A 350 -10.22 -4.95 17.56
CA LYS A 350 -11.12 -5.84 16.80
C LYS A 350 -10.50 -6.15 15.44
N PRO A 351 -10.74 -7.36 14.92
CA PRO A 351 -11.54 -8.45 15.50
C PRO A 351 -10.76 -9.43 16.40
N GLU A 352 -9.45 -9.51 16.19
CA GLU A 352 -8.61 -10.43 16.96
C GLU A 352 -8.40 -10.10 18.43
N GLU A 353 -8.80 -8.92 18.86
CA GLU A 353 -8.63 -8.52 20.26
C GLU A 353 -9.93 -8.02 20.85
N LYS A 354 -10.04 -8.06 22.17
CA LYS A 354 -11.28 -7.62 22.82
C LYS A 354 -11.26 -6.18 23.28
N THR A 355 -11.58 -5.30 22.33
CA THR A 355 -11.64 -3.86 22.55
C THR A 355 -12.86 -3.44 21.73
N ILE A 356 -13.33 -2.22 21.92
CA ILE A 356 -14.48 -1.75 21.17
C ILE A 356 -14.02 -0.97 19.95
N TRP A 357 -12.71 -0.91 19.77
CA TRP A 357 -12.12 -0.15 18.67
C TRP A 357 -11.13 -0.97 17.88
N THR A 358 -10.67 -0.38 16.77
CA THR A 358 -9.70 -1.01 15.90
C THR A 358 -8.83 0.06 15.24
N SER A 359 -7.52 -0.08 15.37
CA SER A 359 -6.60 0.87 14.77
C SER A 359 -5.32 0.16 14.41
N SER A 360 -4.36 0.90 13.89
CA SER A 360 -3.08 0.30 13.53
C SER A 360 -1.91 1.25 13.75
N SER A 361 -0.73 0.67 13.83
CA SER A 361 0.50 1.42 13.99
C SER A 361 1.30 1.11 12.74
N SER A 362 2.54 1.56 12.67
CA SER A 362 3.32 1.24 11.48
C SER A 362 4.82 1.26 11.73
N ILE A 363 5.55 0.68 10.79
CA ILE A 363 6.99 0.61 10.82
C ILE A 363 7.44 0.68 9.37
N VAL A 364 8.36 1.57 9.08
CA VAL A 364 8.84 1.74 7.71
C VAL A 364 10.26 1.23 7.51
N MET A 365 10.49 0.60 6.36
CA MET A 365 11.81 0.04 6.04
C MET A 365 12.27 0.59 4.70
N CYS A 366 13.57 0.60 4.46
CA CYS A 366 14.10 1.10 3.20
C CYS A 366 15.28 0.27 2.70
N GLY A 367 15.42 0.27 1.37
CA GLY A 367 16.49 -0.44 0.67
C GLY A 367 17.70 -0.90 1.44
N VAL A 368 18.83 -0.24 1.23
CA VAL A 368 20.07 -0.61 1.93
C VAL A 368 20.84 -1.74 1.24
N ASP A 369 22.13 -1.52 1.06
CA ASP A 369 23.01 -2.48 0.40
C ASP A 369 23.56 -3.57 1.32
N TYR A 370 22.96 -3.75 2.47
CA TYR A 370 23.45 -4.77 3.39
C TYR A 370 22.36 -5.71 3.91
N GLU A 371 22.79 -6.85 4.38
CA GLU A 371 21.86 -7.83 4.94
C GLU A 371 21.48 -7.27 6.31
N VAL A 372 20.19 -7.26 6.62
CA VAL A 372 19.78 -6.77 7.94
C VAL A 372 19.19 -7.91 8.75
N ALA A 373 19.67 -8.07 9.97
CA ALA A 373 19.24 -9.13 10.87
C ALA A 373 17.75 -9.17 11.15
N ASP A 374 17.24 -10.36 11.44
CA ASP A 374 15.84 -10.51 11.75
C ASP A 374 15.58 -9.92 13.12
N TRP A 375 14.36 -9.42 13.31
CA TRP A 375 13.94 -8.86 14.58
C TRP A 375 12.46 -8.57 14.45
N SER A 376 11.88 -7.96 15.48
CA SER A 376 10.48 -7.65 15.43
C SER A 376 10.22 -6.25 15.97
N TRP A 377 9.76 -5.37 15.10
CA TRP A 377 9.46 -3.99 15.48
C TRP A 377 7.94 -3.89 15.56
N HIS A 378 7.33 -4.71 16.41
CA HIS A 378 5.88 -4.72 16.53
C HIS A 378 5.25 -3.54 17.27
N ASP A 379 3.94 -3.42 17.09
CA ASP A 379 3.15 -2.34 17.68
C ASP A 379 3.58 -2.05 19.12
N GLY A 380 3.21 -2.92 20.05
CA GLY A 380 3.61 -2.72 21.43
C GLY A 380 2.57 -2.24 22.42
N ALA A 381 1.42 -1.78 21.93
CA ALA A 381 0.38 -1.30 22.84
C ALA A 381 -0.11 -2.42 23.75
N ILE A 382 -0.52 -2.03 24.95
CA ILE A 382 -1.04 -2.99 25.94
C ILE A 382 -2.57 -2.92 25.96
N LEU A 383 -3.24 -3.94 25.42
CA LEU A 383 -4.70 -3.95 25.39
C LEU A 383 -5.37 -4.75 26.53
N PRO A 384 -6.61 -4.38 26.88
CA PRO A 384 -7.36 -3.28 26.26
C PRO A 384 -7.02 -1.93 26.89
N PHE A 385 -7.57 -0.86 26.32
CA PHE A 385 -7.35 0.50 26.82
C PHE A 385 -8.48 0.83 27.77
N ASP A 386 -8.40 1.98 28.44
CA ASP A 386 -9.46 2.40 29.37
C ASP A 386 -10.80 2.27 28.65
N ILE A 387 -10.72 2.00 27.36
CA ILE A 387 -11.86 1.81 26.49
C ILE A 387 -12.39 3.15 26.00
#